data_7OQ8
#
_entry.id   7OQ8
#
_cell.length_a   82.018
_cell.length_b   110.832
_cell.length_c   60.932
_cell.angle_alpha   90.000
_cell.angle_beta   90.000
_cell.angle_gamma   90.000
#
_symmetry.space_group_name_H-M   'C 2 2 21'
#
loop_
_entity.id
_entity.type
_entity.pdbx_description
1 polymer '14-3-3 protein sigma'
2 polymer 'Estrogen receptor'
3 non-polymer 'MAGNESIUM ION'
4 non-polymer 'CHLORIDE ION'
5 non-polymer ~{N}-[(5-carbamimidoyl-3-phenyl-thiophen-2-yl)methyl]-1~{H}-indole-6-carboxamide
6 water water
#
loop_
_entity_poly.entity_id
_entity_poly.type
_entity_poly.pdbx_seq_one_letter_code
_entity_poly.pdbx_strand_id
1 'polypeptide(L)'
;GAMGSMERASLIQKAKLAEQAERYEDMAAFMKGAVEKGEELS(CME)EERNLLSVAYKNVVGGQRAAWRVLSSIEQKSNE
EGSEEKGPEVREYREKVETELQGVCDTVLGLLDSHLIKEAGDAESRVFYLKMKGDYYRYLAEVATGDDKKRIIDSARSAY
QEAMDISKKEMPPTNPIRLGLALNFSVFHYEIANSPEEAISLAKTTFDEAMADLHTLSEDSYKDSTLIMQLLRDNLTLWT
ADNAGEEGGEAPQEPQS
;
C
2 'polypeptide(L)' KYYITGEAEGFPA(TPO)V B
#
loop_
_chem_comp.id
_chem_comp.type
_chem_comp.name
_chem_comp.formula
0B7 non-polymer ~{N}-[(5-carbamimidoyl-3-phenyl-thiophen-2-yl)methyl]-1~{H}-indole-6-carboxamide 'C21 H18 N4 O S'
CL non-polymer 'CHLORIDE ION' 'Cl -1'
MG non-polymer 'MAGNESIUM ION' 'Mg 2'
#
# COMPACT_ATOMS: atom_id res chain seq x y z
N GLY A 1 2.13 -1.58 24.16
CA GLY A 1 1.49 -0.46 23.41
C GLY A 1 1.47 0.83 24.18
N ALA A 2 2.33 1.77 23.77
CA ALA A 2 2.37 3.07 24.42
C ALA A 2 1.08 3.85 24.24
N MET A 3 0.20 3.41 23.34
CA MET A 3 -1.10 4.04 23.13
C MET A 3 -2.22 3.30 23.87
N GLY A 4 -1.87 2.27 24.64
CA GLY A 4 -2.88 1.46 25.30
C GLY A 4 -3.77 2.22 26.28
N SER A 5 -3.29 3.32 26.84
CA SER A 5 -4.08 4.05 27.82
C SER A 5 -4.97 5.13 27.21
N MET A 6 -4.89 5.37 25.91
CA MET A 6 -5.69 6.41 25.29
C MET A 6 -6.95 5.80 24.69
N GLU A 7 -8.06 6.53 24.83
CA GLU A 7 -9.33 6.11 24.25
C GLU A 7 -9.21 5.92 22.75
N ARG A 8 -9.89 4.90 22.25
CA ARG A 8 -9.95 4.68 20.80
C ARG A 8 -10.37 5.94 20.04
N ALA A 9 -11.43 6.61 20.49
CA ALA A 9 -11.92 7.77 19.77
C ALA A 9 -10.88 8.88 19.79
N SER A 10 -10.15 9.00 20.91
CA SER A 10 -9.14 10.04 21.00
C SER A 10 -7.99 9.74 20.06
N LEU A 11 -7.62 8.47 19.93
CA LEU A 11 -6.59 8.07 18.97
C LEU A 11 -6.99 8.43 17.54
N ILE A 12 -8.24 8.14 17.16
CA ILE A 12 -8.70 8.48 15.81
C ILE A 12 -8.65 9.99 15.61
N GLN A 13 -9.14 10.75 16.61
CA GLN A 13 -9.15 12.21 16.49
C GLN A 13 -7.73 12.74 16.34
N LYS A 14 -6.80 12.20 17.11
CA LYS A 14 -5.42 12.67 17.03
C LYS A 14 -4.76 12.23 15.74
N ALA A 15 -5.14 11.07 15.20
CA ALA A 15 -4.64 10.69 13.87
C ALA A 15 -5.09 11.72 12.83
N LYS A 16 -6.33 12.20 12.92
CA LYS A 16 -6.81 13.20 11.98
C LYS A 16 -6.05 14.52 12.15
N LEU A 17 -5.76 14.90 13.39
CA LEU A 17 -4.99 16.12 13.63
C LEU A 17 -3.56 15.97 13.13
N ALA A 18 -2.94 14.82 13.37
CA ALA A 18 -1.59 14.60 12.89
C ALA A 18 -1.54 14.68 11.38
N GLU A 19 -2.54 14.13 10.70
CA GLU A 19 -2.58 14.26 9.25
C GLU A 19 -2.56 15.73 8.82
N GLN A 20 -3.40 16.55 9.45
CA GLN A 20 -3.46 17.96 9.08
C GLN A 20 -2.14 18.66 9.35
N ALA A 21 -1.42 18.21 10.37
CA ALA A 21 -0.11 18.77 10.69
C ALA A 21 1.03 18.09 9.93
N GLU A 22 0.72 17.17 9.01
CA GLU A 22 1.71 16.41 8.25
C GLU A 22 2.70 15.70 9.15
N ARG A 23 2.20 15.17 10.27
CA ARG A 23 2.97 14.44 11.25
C ARG A 23 2.65 12.96 11.10
N TYR A 24 3.19 12.38 10.03
CA TYR A 24 2.74 11.05 9.62
C TYR A 24 3.24 9.96 10.54
N GLU A 25 4.40 10.12 11.16
N GLU A 25 4.40 10.13 11.17
CA GLU A 25 4.84 9.13 12.15
CA GLU A 25 4.85 9.14 12.15
C GLU A 25 3.86 9.10 13.31
C GLU A 25 3.91 9.10 13.34
N ASP A 26 3.49 10.27 13.83
CA ASP A 26 2.50 10.34 14.91
C ASP A 26 1.20 9.70 14.44
N MET A 27 0.77 10.05 13.23
CA MET A 27 -0.49 9.54 12.70
C MET A 27 -0.48 8.02 12.70
N ALA A 28 0.63 7.43 12.27
CA ALA A 28 0.72 5.97 12.20
C ALA A 28 0.71 5.37 13.60
N ALA A 29 1.40 5.98 14.55
CA ALA A 29 1.38 5.48 15.92
C ALA A 29 -0.03 5.55 16.51
N PHE A 30 -0.76 6.63 16.23
CA PHE A 30 -2.13 6.74 16.74
C PHE A 30 -3.02 5.66 16.15
N MET A 31 -2.90 5.42 14.84
CA MET A 31 -3.71 4.43 14.16
C MET A 31 -3.31 3.01 14.56
N LYS A 32 -2.02 2.75 14.78
CA LYS A 32 -1.62 1.48 15.36
C LYS A 32 -2.31 1.26 16.71
N GLY A 33 -2.31 2.29 17.54
CA GLY A 33 -2.99 2.17 18.81
C GLY A 33 -4.48 1.88 18.64
N ALA A 34 -5.11 2.54 17.67
CA ALA A 34 -6.52 2.29 17.42
C ALA A 34 -6.76 0.85 17.00
N VAL A 35 -5.95 0.35 16.06
CA VAL A 35 -6.09 -1.05 15.66
C VAL A 35 -5.96 -1.96 16.86
N GLU A 36 -5.00 -1.67 17.74
CA GLU A 36 -4.73 -2.58 18.86
C GLU A 36 -5.83 -2.58 19.89
N LYS A 37 -6.83 -1.70 19.77
CA LYS A 37 -8.01 -1.77 20.61
C LYS A 37 -8.81 -3.03 20.32
N GLY A 38 -8.58 -3.65 19.16
CA GLY A 38 -9.16 -4.93 18.87
C GLY A 38 -10.45 -4.90 18.10
N GLU A 39 -11.06 -3.73 17.93
CA GLU A 39 -12.29 -3.59 17.16
C GLU A 39 -11.99 -3.43 15.67
N GLU A 40 -12.94 -3.84 14.85
CA GLU A 40 -12.82 -3.59 13.41
C GLU A 40 -12.72 -2.10 13.13
N LEU A 41 -12.15 -1.78 11.97
CA LEU A 41 -12.01 -0.41 11.51
C LEU A 41 -13.08 -0.08 10.47
N SER A 42 -13.64 1.13 10.57
CA SER A 42 -14.54 1.63 9.56
C SER A 42 -13.77 2.01 8.29
N CME A 43 -14.49 2.35 7.23
CA CME A 43 -13.82 2.75 5.99
CB CME A 43 -14.87 3.07 4.93
SG CME A 43 -14.20 3.78 3.44
SD CME A 43 -13.16 2.28 2.60
CE CME A 43 -14.03 2.16 1.00
CZ CME A 43 -15.35 1.40 1.10
OH CME A 43 -15.13 0.05 1.43
C CME A 43 -12.90 3.95 6.23
O CME A 43 -11.74 3.95 5.80
H CME A 43 -15.34 2.35 7.20
HA CME A 43 -13.27 2.02 5.68
HB2 CME A 43 -15.33 2.25 4.68
HB3 CME A 43 -15.51 3.70 5.30
HE2 CME A 43 -14.22 3.16 0.62
HE3 CME A 43 -13.39 1.64 0.29
HZ2 CME A 43 -15.97 1.87 1.86
HZ3 CME A 43 -15.87 1.47 0.15
HH CME A 43 -14.17 -0.11 1.53
HS2 CME A 43 -12.36 2.80 2.48
N GLU A 44 -13.40 4.97 6.91
CA GLU A 44 -12.57 6.14 7.17
C GLU A 44 -11.33 5.75 7.96
N GLU A 45 -11.50 4.87 8.95
CA GLU A 45 -10.36 4.48 9.79
C GLU A 45 -9.35 3.66 8.99
N ARG A 46 -9.83 2.79 8.09
CA ARG A 46 -8.88 2.06 7.24
C ARG A 46 -8.09 3.01 6.38
N ASN A 47 -8.76 4.03 5.83
CA ASN A 47 -8.07 5.03 5.04
C ASN A 47 -7.04 5.77 5.89
N LEU A 48 -7.37 6.11 7.14
CA LEU A 48 -6.40 6.78 8.00
C LEU A 48 -5.19 5.91 8.25
N LEU A 49 -5.41 4.63 8.55
CA LEU A 49 -4.31 3.71 8.75
C LEU A 49 -3.42 3.65 7.52
N SER A 50 -4.04 3.48 6.36
CA SER A 50 -3.30 3.33 5.12
C SER A 50 -2.51 4.60 4.78
N VAL A 51 -3.13 5.76 4.89
CA VAL A 51 -2.45 7.01 4.56
C VAL A 51 -1.24 7.20 5.46
N ALA A 52 -1.42 6.93 6.76
CA ALA A 52 -0.33 7.17 7.71
C ALA A 52 0.88 6.32 7.36
N TYR A 53 0.69 5.00 7.21
CA TYR A 53 1.82 4.15 6.97
C TYR A 53 2.38 4.32 5.55
N LYS A 54 1.52 4.64 4.57
CA LYS A 54 2.01 4.90 3.22
C LYS A 54 2.98 6.06 3.24
N ASN A 55 2.64 7.11 3.96
CA ASN A 55 3.51 8.27 4.02
C ASN A 55 4.81 7.96 4.77
N VAL A 56 4.74 7.24 5.90
CA VAL A 56 5.94 6.90 6.64
C VAL A 56 6.86 6.06 5.78
N VAL A 57 6.34 4.96 5.23
N VAL A 57 6.35 4.95 5.23
CA VAL A 57 7.19 4.07 4.46
CA VAL A 57 7.23 4.08 4.45
C VAL A 57 7.62 4.73 3.15
C VAL A 57 7.63 4.74 3.14
N GLY A 58 6.78 5.60 2.58
CA GLY A 58 7.17 6.30 1.37
C GLY A 58 8.40 7.16 1.59
N GLY A 59 8.45 7.86 2.73
CA GLY A 59 9.64 8.61 3.06
C GLY A 59 10.86 7.72 3.21
N GLN A 60 10.69 6.57 3.86
CA GLN A 60 11.80 5.65 4.04
C GLN A 60 12.27 5.12 2.71
N ARG A 61 11.34 4.78 1.81
CA ARG A 61 11.71 4.27 0.51
C ARG A 61 12.46 5.31 -0.30
N ALA A 62 12.01 6.57 -0.26
CA ALA A 62 12.71 7.61 -1.00
C ALA A 62 14.13 7.76 -0.49
N ALA A 63 14.30 7.71 0.84
CA ALA A 63 15.64 7.85 1.41
C ALA A 63 16.51 6.64 1.05
N TRP A 64 15.95 5.44 1.16
CA TRP A 64 16.66 4.22 0.80
C TRP A 64 17.13 4.29 -0.64
N ARG A 65 16.30 4.81 -1.54
CA ARG A 65 16.70 4.89 -2.94
C ARG A 65 17.86 5.84 -3.14
N VAL A 66 17.84 6.99 -2.46
CA VAL A 66 18.96 7.91 -2.51
C VAL A 66 20.23 7.23 -2.03
N LEU A 67 20.15 6.57 -0.87
CA LEU A 67 21.35 5.96 -0.30
C LEU A 67 21.84 4.79 -1.14
N SER A 68 20.92 3.98 -1.65
N SER A 68 20.93 3.97 -1.66
CA SER A 68 21.32 2.83 -2.48
CA SER A 68 21.35 2.84 -2.48
C SER A 68 22.05 3.32 -3.73
C SER A 68 22.06 3.31 -3.74
N SER A 69 21.55 4.38 -4.35
CA SER A 69 22.21 4.94 -5.52
C SER A 69 23.63 5.40 -5.19
N ILE A 70 23.79 6.09 -4.06
CA ILE A 70 25.13 6.51 -3.64
C ILE A 70 26.01 5.30 -3.38
N GLU A 71 25.47 4.28 -2.71
CA GLU A 71 26.22 3.07 -2.46
C GLU A 71 26.66 2.41 -3.75
N GLN A 72 25.77 2.35 -4.74
CA GLN A 72 26.09 1.72 -6.01
C GLN A 72 27.24 2.45 -6.69
N LYS A 73 27.14 3.78 -6.78
CA LYS A 73 28.22 4.56 -7.38
C LYS A 73 29.55 4.29 -6.68
N SER A 74 29.56 4.37 -5.36
CA SER A 74 30.79 4.12 -4.61
C SER A 74 31.34 2.72 -4.84
N ASN A 75 30.59 1.85 -5.52
CA ASN A 75 31.09 0.54 -5.91
C ASN A 75 31.33 0.53 -7.42
N GLY A 83 34.80 3.73 2.59
CA GLY A 83 34.58 3.15 3.91
C GLY A 83 33.22 2.50 4.02
N PRO A 84 32.91 1.97 5.22
CA PRO A 84 31.65 1.26 5.42
C PRO A 84 30.45 2.17 5.64
N GLU A 85 30.61 3.48 5.66
CA GLU A 85 29.56 4.36 6.17
C GLU A 85 28.30 4.36 5.29
N VAL A 86 28.46 4.42 3.97
CA VAL A 86 27.27 4.46 3.09
C VAL A 86 26.47 3.17 3.26
N ARG A 87 27.15 2.04 3.22
CA ARG A 87 26.47 0.77 3.44
C ARG A 87 25.80 0.73 4.80
N GLU A 88 26.51 1.15 5.85
CA GLU A 88 25.95 1.09 7.19
C GLU A 88 24.70 1.93 7.29
N TYR A 89 24.73 3.12 6.68
CA TYR A 89 23.61 4.03 6.83
C TYR A 89 22.44 3.56 5.97
N ARG A 90 22.72 3.11 4.74
CA ARG A 90 21.67 2.46 3.95
C ARG A 90 21.05 1.30 4.71
N GLU A 91 21.88 0.46 5.35
CA GLU A 91 21.38 -0.65 6.16
C GLU A 91 20.51 -0.15 7.31
N LYS A 92 20.89 0.96 7.95
CA LYS A 92 20.08 1.49 9.04
C LYS A 92 18.70 1.87 8.55
N VAL A 93 18.64 2.62 7.45
CA VAL A 93 17.34 3.01 6.90
C VAL A 93 16.55 1.78 6.48
N GLU A 94 17.24 0.83 5.83
CA GLU A 94 16.58 -0.40 5.38
C GLU A 94 15.96 -1.14 6.55
N THR A 95 16.69 -1.28 7.65
CA THR A 95 16.18 -1.99 8.81
C THR A 95 14.98 -1.28 9.40
N GLU A 96 15.01 0.06 9.43
N GLU A 96 15.00 0.05 9.41
CA GLU A 96 13.87 0.82 9.91
CA GLU A 96 13.85 0.78 9.93
C GLU A 96 12.66 0.59 9.02
C GLU A 96 12.64 0.61 9.02
N LEU A 97 12.87 0.61 7.70
CA LEU A 97 11.80 0.36 6.74
C LEU A 97 11.21 -1.03 6.92
N GLN A 98 12.07 -2.03 7.04
CA GLN A 98 11.60 -3.40 7.28
C GLN A 98 10.81 -3.47 8.58
N GLY A 99 11.25 -2.73 9.60
CA GLY A 99 10.52 -2.73 10.85
C GLY A 99 9.11 -2.16 10.70
N VAL A 100 8.97 -1.08 9.91
CA VAL A 100 7.64 -0.52 9.69
C VAL A 100 6.78 -1.50 8.91
N CYS A 101 7.33 -2.11 7.84
CA CYS A 101 6.57 -3.13 7.11
C CYS A 101 6.16 -4.28 8.01
N ASP A 102 7.08 -4.76 8.86
CA ASP A 102 6.73 -5.86 9.74
C ASP A 102 5.61 -5.46 10.71
N THR A 103 5.64 -4.21 11.17
CA THR A 103 4.61 -3.71 12.06
C THR A 103 3.24 -3.72 11.37
N VAL A 104 3.18 -3.21 10.14
CA VAL A 104 1.90 -3.19 9.43
C VAL A 104 1.42 -4.61 9.15
N LEU A 105 2.32 -5.47 8.66
CA LEU A 105 1.93 -6.86 8.42
C LEU A 105 1.50 -7.53 9.70
N GLY A 106 2.10 -7.18 10.82
CA GLY A 106 1.66 -7.71 12.09
C GLY A 106 0.25 -7.28 12.44
N LEU A 107 -0.09 -6.02 12.18
CA LEU A 107 -1.45 -5.57 12.44
C LEU A 107 -2.44 -6.31 11.54
N LEU A 108 -2.08 -6.51 10.28
CA LEU A 108 -2.97 -7.22 9.37
C LEU A 108 -3.19 -8.64 9.83
N ASP A 109 -2.13 -9.27 10.36
CA ASP A 109 -2.23 -10.67 10.78
C ASP A 109 -2.80 -10.82 12.19
N SER A 110 -2.83 -9.76 12.98
CA SER A 110 -3.26 -9.80 14.38
C SER A 110 -4.09 -8.55 14.68
N HIS A 111 -5.35 -8.49 14.24
CA HIS A 111 -6.08 -9.56 13.58
C HIS A 111 -7.03 -8.98 12.52
N LEU A 112 -6.57 -7.97 11.78
CA LEU A 112 -7.47 -7.24 10.89
C LEU A 112 -8.04 -8.15 9.81
N ILE A 113 -7.17 -8.93 9.15
CA ILE A 113 -7.63 -9.75 8.02
C ILE A 113 -8.60 -10.82 8.49
N LYS A 114 -8.25 -11.54 9.55
CA LYS A 114 -9.12 -12.65 9.96
C LYS A 114 -10.49 -12.15 10.41
N GLU A 115 -10.57 -10.92 10.94
CA GLU A 115 -11.85 -10.40 11.42
C GLU A 115 -12.59 -9.58 10.38
N ALA A 116 -12.06 -9.44 9.17
CA ALA A 116 -12.71 -8.66 8.12
C ALA A 116 -13.67 -9.57 7.36
N GLY A 117 -14.94 -9.50 7.69
CA GLY A 117 -15.91 -10.38 7.05
C GLY A 117 -16.40 -9.83 5.73
N ASP A 118 -16.63 -8.53 5.68
CA ASP A 118 -17.10 -7.91 4.46
C ASP A 118 -16.02 -7.94 3.39
N ALA A 119 -16.43 -8.09 2.14
CA ALA A 119 -15.49 -8.04 1.03
C ALA A 119 -14.72 -6.74 1.00
N GLU A 120 -15.41 -5.62 1.23
CA GLU A 120 -14.77 -4.32 1.16
C GLU A 120 -13.56 -4.25 2.10
N SER A 121 -13.73 -4.74 3.33
CA SER A 121 -12.65 -4.69 4.30
C SER A 121 -11.57 -5.70 3.95
N ARG A 122 -11.96 -6.92 3.60
CA ARG A 122 -10.97 -7.94 3.31
C ARG A 122 -10.10 -7.55 2.11
N VAL A 123 -10.70 -6.99 1.07
CA VAL A 123 -9.94 -6.53 -0.08
C VAL A 123 -8.95 -5.44 0.32
N PHE A 124 -9.43 -4.47 1.11
CA PHE A 124 -8.58 -3.38 1.59
C PHE A 124 -7.34 -3.92 2.29
N TYR A 125 -7.53 -4.87 3.22
CA TYR A 125 -6.41 -5.35 4.00
C TYR A 125 -5.50 -6.26 3.19
N LEU A 126 -6.07 -7.06 2.28
CA LEU A 126 -5.23 -7.89 1.43
C LEU A 126 -4.39 -7.05 0.47
N LYS A 127 -4.96 -5.95 -0.05
CA LYS A 127 -4.18 -5.01 -0.83
C LYS A 127 -3.02 -4.47 0.01
N MET A 128 -3.31 -4.05 1.24
CA MET A 128 -2.24 -3.57 2.11
C MET A 128 -1.17 -4.64 2.31
N LYS A 129 -1.59 -5.89 2.53
CA LYS A 129 -0.61 -6.96 2.68
C LYS A 129 0.28 -7.07 1.46
N GLY A 130 -0.31 -7.00 0.27
CA GLY A 130 0.50 -7.01 -0.93
C GLY A 130 1.46 -5.84 -1.01
N ASP A 131 0.97 -4.64 -0.65
CA ASP A 131 1.79 -3.44 -0.69
C ASP A 131 3.01 -3.58 0.24
N TYR A 132 2.81 -4.04 1.48
CA TYR A 132 3.93 -4.09 2.42
C TYR A 132 4.90 -5.23 2.13
N TYR A 133 4.42 -6.35 1.60
CA TYR A 133 5.35 -7.33 1.05
C TYR A 133 6.09 -6.76 -0.15
N ARG A 134 5.41 -5.96 -0.98
CA ARG A 134 6.09 -5.32 -2.11
C ARG A 134 7.22 -4.41 -1.62
N TYR A 135 6.97 -3.64 -0.58
CA TYR A 135 8.02 -2.76 -0.06
C TYR A 135 9.18 -3.57 0.51
N LEU A 136 8.88 -4.67 1.19
CA LEU A 136 9.95 -5.55 1.63
C LEU A 136 10.73 -6.10 0.44
N ALA A 137 10.03 -6.48 -0.65
CA ALA A 137 10.71 -7.03 -1.80
C ALA A 137 11.65 -6.03 -2.45
N GLU A 138 11.31 -4.74 -2.37
CA GLU A 138 12.16 -3.72 -2.97
C GLU A 138 13.58 -3.75 -2.38
N VAL A 139 13.71 -4.14 -1.12
CA VAL A 139 15.00 -4.08 -0.43
C VAL A 139 15.58 -5.47 -0.18
N ALA A 140 14.88 -6.52 -0.55
CA ALA A 140 15.31 -7.88 -0.26
C ALA A 140 16.32 -8.34 -1.31
N THR A 141 17.21 -9.26 -0.90
CA THR A 141 18.30 -9.69 -1.77
C THR A 141 18.58 -11.19 -1.65
N GLY A 142 17.54 -12.00 -1.73
CA GLY A 142 17.72 -13.41 -2.03
C GLY A 142 16.97 -14.37 -1.13
N ASP A 144 14.54 -15.88 -0.05
CA ASP A 144 14.11 -14.81 0.85
C ASP A 144 13.34 -13.75 0.06
N LYS A 145 14.03 -13.13 -0.90
CA LYS A 145 13.37 -12.24 -1.84
C LYS A 145 12.29 -12.98 -2.62
N LYS A 146 12.59 -14.20 -3.09
CA LYS A 146 11.60 -14.94 -3.86
C LYS A 146 10.35 -15.20 -3.05
N ARG A 147 10.50 -15.61 -1.79
CA ARG A 147 9.34 -15.89 -0.96
C ARG A 147 8.53 -14.63 -0.70
N ILE A 148 9.20 -13.50 -0.49
CA ILE A 148 8.49 -12.25 -0.26
C ILE A 148 7.69 -11.87 -1.51
N ILE A 149 8.29 -12.01 -2.68
CA ILE A 149 7.64 -11.64 -3.92
C ILE A 149 6.41 -12.51 -4.14
N ASP A 150 6.56 -13.82 -3.94
CA ASP A 150 5.41 -14.69 -4.17
C ASP A 150 4.32 -14.40 -3.15
N SER A 151 4.69 -14.04 -1.92
CA SER A 151 3.71 -13.70 -0.90
C SER A 151 2.95 -12.44 -1.27
N ALA A 152 3.63 -11.43 -1.81
CA ALA A 152 2.94 -10.24 -2.29
C ALA A 152 1.95 -10.62 -3.37
N ARG A 153 2.39 -11.42 -4.33
CA ARG A 153 1.53 -11.78 -5.45
C ARG A 153 0.28 -12.50 -4.95
N SER A 154 0.46 -13.40 -3.98
N SER A 154 0.45 -13.41 -3.99
CA SER A 154 -0.68 -14.18 -3.49
CA SER A 154 -0.69 -14.18 -3.50
C SER A 154 -1.69 -13.31 -2.76
C SER A 154 -1.70 -13.28 -2.79
N ALA A 155 -1.22 -12.34 -1.98
CA ALA A 155 -2.14 -11.42 -1.33
C ALA A 155 -2.88 -10.56 -2.34
N TYR A 156 -2.15 -9.94 -3.28
CA TYR A 156 -2.78 -9.14 -4.31
C TYR A 156 -3.81 -9.97 -5.09
N GLN A 157 -3.44 -11.20 -5.47
CA GLN A 157 -4.33 -11.99 -6.31
C GLN A 157 -5.60 -12.40 -5.56
N GLU A 158 -5.47 -12.75 -4.27
CA GLU A 158 -6.67 -13.03 -3.48
C GLU A 158 -7.58 -11.81 -3.41
N ALA A 159 -6.99 -10.64 -3.20
CA ALA A 159 -7.76 -9.41 -3.20
C ALA A 159 -8.43 -9.18 -4.55
N MET A 160 -7.70 -9.45 -5.64
CA MET A 160 -8.29 -9.28 -6.97
C MET A 160 -9.48 -10.21 -7.14
N ASP A 161 -9.33 -11.47 -6.72
CA ASP A 161 -10.40 -12.43 -6.91
C ASP A 161 -11.65 -11.99 -6.16
N ILE A 162 -11.49 -11.55 -4.92
CA ILE A 162 -12.63 -11.08 -4.13
C ILE A 162 -13.23 -9.84 -4.77
N SER A 163 -12.39 -8.87 -5.16
CA SER A 163 -12.87 -7.61 -5.70
C SER A 163 -13.68 -7.84 -6.98
N LYS A 164 -13.30 -8.83 -7.78
CA LYS A 164 -14.02 -9.06 -9.03
C LYS A 164 -15.38 -9.66 -8.75
N LYS A 165 -15.49 -10.49 -7.73
CA LYS A 165 -16.76 -11.11 -7.38
C LYS A 165 -17.70 -10.12 -6.69
N GLU A 166 -17.16 -9.18 -5.91
CA GLU A 166 -17.95 -8.45 -4.93
C GLU A 166 -18.00 -6.94 -5.11
N MET A 167 -17.21 -6.38 -6.01
CA MET A 167 -17.19 -4.95 -6.18
C MET A 167 -17.32 -4.60 -7.65
N PRO A 168 -17.91 -3.45 -7.96
CA PRO A 168 -17.97 -3.02 -9.36
C PRO A 168 -16.60 -2.57 -9.83
N PRO A 169 -16.37 -2.53 -11.15
CA PRO A 169 -15.03 -2.20 -11.66
C PRO A 169 -14.62 -0.77 -11.42
N THR A 170 -15.54 0.11 -10.98
CA THR A 170 -15.21 1.48 -10.64
C THR A 170 -14.90 1.68 -9.18
N ASN A 171 -15.09 0.67 -8.34
CA ASN A 171 -14.87 0.81 -6.91
CA ASN A 171 -14.87 0.81 -6.91
C ASN A 171 -13.45 1.29 -6.67
N PRO A 172 -13.24 2.36 -5.90
CA PRO A 172 -11.89 2.91 -5.76
C PRO A 172 -10.90 1.96 -5.07
N ILE A 173 -11.35 1.09 -4.18
CA ILE A 173 -10.43 0.12 -3.59
C ILE A 173 -10.03 -0.91 -4.62
N ARG A 174 -10.98 -1.38 -5.42
CA ARG A 174 -10.64 -2.30 -6.49
C ARG A 174 -9.69 -1.64 -7.50
N LEU A 175 -9.94 -0.39 -7.85
CA LEU A 175 -9.07 0.30 -8.79
C LEU A 175 -7.67 0.48 -8.24
N GLY A 176 -7.55 0.89 -6.97
CA GLY A 176 -6.23 1.11 -6.42
C GLY A 176 -5.47 -0.18 -6.24
N LEU A 177 -6.17 -1.26 -5.88
CA LEU A 177 -5.57 -2.58 -5.83
C LEU A 177 -4.96 -2.95 -7.18
N ALA A 178 -5.73 -2.77 -8.25
CA ALA A 178 -5.23 -3.11 -9.58
C ALA A 178 -4.07 -2.22 -9.99
N LEU A 179 -4.15 -0.92 -9.69
CA LEU A 179 -3.03 -0.02 -9.94
C LEU A 179 -1.75 -0.53 -9.27
N ASN A 180 -1.86 -0.85 -7.98
CA ASN A 180 -0.67 -1.27 -7.24
C ASN A 180 -0.17 -2.65 -7.67
N PHE A 181 -1.08 -3.58 -7.95
CA PHE A 181 -0.68 -4.90 -8.42
C PHE A 181 0.02 -4.79 -9.75
N SER A 182 -0.47 -3.89 -10.62
CA SER A 182 0.20 -3.67 -11.89
C SER A 182 1.63 -3.19 -11.67
N VAL A 183 1.83 -2.25 -10.73
CA VAL A 183 3.17 -1.77 -10.41
C VAL A 183 4.03 -2.91 -9.87
N PHE A 184 3.46 -3.72 -8.99
CA PHE A 184 4.16 -4.92 -8.55
C PHE A 184 4.66 -5.75 -9.72
N HIS A 185 3.80 -6.01 -10.69
CA HIS A 185 4.21 -6.83 -11.83
C HIS A 185 5.36 -6.17 -12.56
N TYR A 186 5.29 -4.85 -12.75
CA TYR A 186 6.29 -4.16 -13.56
C TYR A 186 7.63 -4.09 -12.84
N GLU A 187 7.61 -3.64 -11.59
N GLU A 187 7.62 -3.62 -11.59
CA GLU A 187 8.85 -3.26 -10.91
CA GLU A 187 8.86 -3.28 -10.91
C GLU A 187 9.43 -4.33 -10.01
C GLU A 187 9.47 -4.44 -10.14
N ILE A 188 8.64 -5.33 -9.60
CA ILE A 188 9.08 -6.36 -8.68
C ILE A 188 9.19 -7.70 -9.40
N ALA A 189 8.15 -8.09 -10.11
CA ALA A 189 8.11 -9.40 -10.74
C ALA A 189 8.77 -9.42 -12.12
N ASN A 190 9.24 -8.28 -12.60
CA ASN A 190 9.86 -8.18 -13.92
C ASN A 190 8.94 -8.80 -14.97
N SER A 191 7.66 -8.41 -14.89
CA SER A 191 6.60 -8.89 -15.79
C SER A 191 5.88 -7.67 -16.36
N PRO A 192 6.56 -6.90 -17.20
CA PRO A 192 5.95 -5.65 -17.68
C PRO A 192 4.71 -5.90 -18.53
N GLU A 193 4.65 -7.01 -19.27
CA GLU A 193 3.45 -7.23 -20.09
C GLU A 193 2.24 -7.49 -19.21
N GLU A 194 2.42 -8.23 -18.11
CA GLU A 194 1.33 -8.42 -17.17
C GLU A 194 0.90 -7.10 -16.56
N ALA A 195 1.87 -6.23 -16.24
CA ALA A 195 1.57 -4.95 -15.65
C ALA A 195 0.72 -4.10 -16.59
N ILE A 196 1.15 -4.04 -17.84
CA ILE A 196 0.47 -3.24 -18.85
C ILE A 196 -0.91 -3.81 -19.14
N SER A 197 -1.01 -5.13 -19.29
N SER A 197 -1.02 -5.14 -19.27
CA SER A 197 -2.31 -5.77 -19.52
CA SER A 197 -2.32 -5.76 -19.52
C SER A 197 -3.27 -5.44 -18.39
C SER A 197 -3.30 -5.50 -18.38
N LEU A 198 -2.83 -5.59 -17.13
CA LEU A 198 -3.72 -5.33 -16.01
C LEU A 198 -4.15 -3.87 -15.97
N ALA A 199 -3.23 -2.93 -16.16
CA ALA A 199 -3.62 -1.53 -16.12
C ALA A 199 -4.64 -1.21 -17.20
N LYS A 200 -4.41 -1.74 -18.41
CA LYS A 200 -5.31 -1.47 -19.54
C LYS A 200 -6.69 -2.07 -19.30
N THR A 201 -6.76 -3.35 -18.95
CA THR A 201 -8.04 -3.99 -18.72
C THR A 201 -8.79 -3.27 -17.60
N THR A 202 -8.08 -2.92 -16.53
CA THR A 202 -8.72 -2.23 -15.41
C THR A 202 -9.28 -0.89 -15.86
N PHE A 203 -8.48 -0.12 -16.60
CA PHE A 203 -8.94 1.18 -17.09
C PHE A 203 -10.18 1.03 -17.96
N ASP A 204 -10.15 0.11 -18.93
CA ASP A 204 -11.25 -0.04 -19.89
C ASP A 204 -12.52 -0.52 -19.20
N GLU A 205 -12.41 -1.45 -18.25
CA GLU A 205 -13.59 -1.92 -17.55
C GLU A 205 -14.19 -0.83 -16.67
N ALA A 206 -13.35 0.01 -16.08
CA ALA A 206 -13.88 1.12 -15.29
C ALA A 206 -14.56 2.15 -16.20
N MET A 207 -13.91 2.50 -17.32
CA MET A 207 -14.49 3.46 -18.25
C MET A 207 -15.91 3.05 -18.63
N ALA A 208 -16.13 1.76 -18.89
CA ALA A 208 -17.44 1.29 -19.34
C ALA A 208 -18.49 1.33 -18.26
N ASP A 209 -18.09 1.52 -17.01
CA ASP A 209 -19.00 1.55 -15.87
C ASP A 209 -19.18 2.95 -15.32
N LEU A 210 -18.48 3.96 -15.86
CA LEU A 210 -18.61 5.31 -15.32
C LEU A 210 -20.05 5.83 -15.43
N HIS A 211 -20.79 5.38 -16.43
CA HIS A 211 -22.15 5.90 -16.66
C HIS A 211 -23.06 5.60 -15.49
N THR A 212 -22.71 4.64 -14.62
CA THR A 212 -23.54 4.27 -13.48
C THR A 212 -23.30 5.13 -12.26
N LEU A 213 -22.33 6.04 -12.32
CA LEU A 213 -21.83 6.69 -11.13
C LEU A 213 -22.43 8.07 -10.92
N SER A 214 -22.73 8.38 -9.66
CA SER A 214 -23.02 9.72 -9.22
C SER A 214 -21.80 10.61 -9.43
N GLU A 215 -22.00 11.91 -9.21
CA GLU A 215 -20.91 12.86 -9.38
C GLU A 215 -19.76 12.56 -8.42
N ASP A 216 -20.08 12.20 -7.17
CA ASP A 216 -19.03 11.91 -6.20
C ASP A 216 -18.25 10.64 -6.56
N SER A 217 -18.97 9.58 -6.93
CA SER A 217 -18.30 8.33 -7.30
C SER A 217 -17.46 8.53 -8.55
N TYR A 218 -17.98 9.29 -9.51
CA TYR A 218 -17.26 9.56 -10.74
C TYR A 218 -15.91 10.21 -10.47
N LYS A 219 -15.88 11.17 -9.53
CA LYS A 219 -14.63 11.83 -9.18
C LYS A 219 -13.62 10.85 -8.59
N ASP A 220 -14.06 9.97 -7.68
CA ASP A 220 -13.16 8.99 -7.09
C ASP A 220 -12.56 8.10 -8.17
N SER A 221 -13.42 7.55 -9.01
CA SER A 221 -12.98 6.55 -9.99
C SER A 221 -12.09 7.17 -11.03
N THR A 222 -12.49 8.33 -11.57
CA THR A 222 -11.65 8.91 -12.63
C THR A 222 -10.29 9.34 -12.10
N LEU A 223 -10.19 9.70 -10.82
CA LEU A 223 -8.88 10.04 -10.28
C LEU A 223 -7.93 8.86 -10.41
N ILE A 224 -8.38 7.68 -9.99
CA ILE A 224 -7.49 6.52 -10.07
C ILE A 224 -7.30 6.09 -11.51
N MET A 225 -8.33 6.20 -12.35
CA MET A 225 -8.15 5.87 -13.75
C MET A 225 -7.05 6.72 -14.38
N GLN A 226 -6.93 7.98 -13.98
CA GLN A 226 -5.86 8.82 -14.51
C GLN A 226 -4.50 8.28 -14.09
N LEU A 227 -4.39 7.76 -12.87
CA LEU A 227 -3.12 7.16 -12.45
C LEU A 227 -2.79 5.93 -13.29
N LEU A 228 -3.79 5.10 -13.60
CA LEU A 228 -3.57 3.96 -14.49
C LEU A 228 -3.04 4.44 -15.84
N ARG A 229 -3.67 5.47 -16.41
CA ARG A 229 -3.23 6.03 -17.68
C ARG A 229 -1.81 6.59 -17.56
N ASP A 230 -1.51 7.29 -16.48
CA ASP A 230 -0.18 7.84 -16.28
C ASP A 230 0.86 6.73 -16.33
N ASN A 231 0.60 5.63 -15.61
CA ASN A 231 1.55 4.52 -15.63
C ASN A 231 1.66 3.89 -17.00
N LEU A 232 0.54 3.70 -17.71
CA LEU A 232 0.61 3.16 -19.06
C LEU A 232 1.44 4.07 -19.97
N THR A 233 1.31 5.39 -19.81
CA THR A 233 2.10 6.31 -20.63
C THR A 233 3.59 6.15 -20.33
N LEU A 234 3.92 5.93 -19.06
CA LEU A 234 5.31 5.70 -18.65
C LEU A 234 5.85 4.42 -19.26
N TRP A 235 5.02 3.40 -19.40
CA TRP A 235 5.47 2.06 -19.73
C TRP A 235 5.37 1.71 -21.21
N THR A 236 4.84 2.60 -22.04
CA THR A 236 4.64 2.27 -23.46
C THR A 236 5.07 3.39 -24.40
N PHE B 11 9.17 7.25 -10.91
CA PHE B 11 8.51 6.05 -10.39
C PHE B 11 7.01 6.09 -10.68
N PRO B 12 6.39 4.92 -10.73
CA PRO B 12 4.98 4.87 -11.09
C PRO B 12 4.06 5.15 -9.91
N ALA B 13 2.83 5.54 -10.25
CA ALA B 13 1.85 5.88 -9.25
C ALA B 13 1.27 4.64 -8.56
N TPO B 14 1.13 4.74 -7.25
CA TPO B 14 0.44 3.78 -6.41
CB TPO B 14 1.44 2.84 -5.69
CG2 TPO B 14 2.15 1.95 -6.71
OG1 TPO B 14 2.38 3.71 -5.05
P TPO B 14 3.42 3.02 -4.00
O1P TPO B 14 3.98 4.32 -3.21
O2P TPO B 14 4.53 2.40 -4.72
O3P TPO B 14 2.64 2.06 -3.05
C TPO B 14 -0.38 4.56 -5.40
O TPO B 14 -0.09 5.72 -5.06
N VAL B 15 -1.43 3.93 -4.88
CA VAL B 15 -2.32 4.58 -3.92
C VAL B 15 -2.56 3.72 -2.70
MG MG C . -12.62 2.90 25.83
MG MG D . 19.68 -5.48 5.33
MG MG E . -15.96 -9.29 11.43
CL CL F . -1.15 13.39 22.50
C02 0B7 G . -8.13 10.84 4.98
C04 0B7 G . -9.23 10.09 4.27
C05 0B7 G . -10.51 9.91 4.84
C06 0B7 G . -11.37 9.13 3.89
C07 0B7 G . -10.60 8.78 2.71
C08 0B7 G . -11.05 8.00 1.47
C10 0B7 G . -10.70 9.76 -0.38
C12 0B7 G . -9.41 9.58 -1.21
C13 0B7 G . -8.32 8.69 -1.11
C14 0B7 G . -7.24 8.77 -2.08
C15 0B7 G . -7.31 9.70 -3.11
C16 0B7 G . -6.14 9.55 -3.89
C17 0B7 G . -5.39 8.53 -3.33
C19 0B7 G . -8.41 10.56 -3.21
C20 0B7 G . -9.43 10.48 -2.27
C22 0B7 G . -12.81 8.82 4.28
C23 0B7 G . -13.48 9.78 5.04
C24 0B7 G . -14.80 9.57 5.43
C25 0B7 G . -15.43 8.38 5.06
C26 0B7 G . -14.75 7.43 4.32
C27 0B7 G . -13.43 7.65 3.94
N01 0B7 G . -6.86 10.92 4.35
N03 0B7 G . -8.34 11.33 6.12
N09 0B7 G . -11.42 9.10 0.67
N18 0B7 G . -6.06 8.08 -2.26
O11 0B7 G . -11.36 10.67 -0.74
S21 0B7 G . -9.11 9.44 2.77
H051 0B7 G . -10.78 10.24 5.66
H082 0B7 G . -11.81 7.41 1.66
H081 0B7 G . -10.34 7.47 1.08
H131 0B7 G . -8.29 8.06 -0.43
H161 0B7 G . -5.91 10.04 -4.65
H171 0B7 G . -4.57 8.22 -3.63
H191 0B7 G . -8.45 11.19 -3.89
H201 0B7 G . -10.16 11.05 -2.36
H231 0B7 G . -13.04 10.57 5.28
H241 0B7 G . -15.25 10.20 5.93
H251 0B7 G . -16.31 8.23 5.32
H261 0B7 G . -15.17 6.64 4.08
H271 0B7 G . -12.97 7.00 3.45
H011 0B7 G . -6.21 11.33 4.72
H031 0B7 G . -7.69 11.78 6.55
H091 0B7 G . -12.19 9.43 0.84
H181 0B7 G . -5.78 7.44 -1.75
H012 0B7 G . -6.74 10.54 3.57
C02 0B7 H . -17.83 2.91 -2.53
C04 0B7 H . -17.30 3.80 -1.44
C05 0B7 H . -17.91 3.82 -0.17
C06 0B7 H . -17.19 4.78 0.73
C07 0B7 H . -16.12 5.40 0.03
C08 0B7 H . -15.18 6.44 0.63
C10 0B7 H . -12.94 5.83 -0.24
C12 0B7 H . -11.82 6.06 -1.23
C13 0B7 H . -12.03 6.97 -2.24
C14 0B7 H . -10.98 7.21 -3.17
C15 0B7 H . -9.81 6.51 -3.06
C16 0B7 H . -8.98 6.98 -4.12
C17 0B7 H . -9.71 7.92 -4.83
C19 0B7 H . -9.60 5.57 -2.02
C20 0B7 H . -10.63 5.35 -1.10
C22 0B7 H . -17.66 5.01 2.16
C23 0B7 H . -17.85 6.31 2.62
C24 0B7 H . -18.31 6.48 3.91
C25 0B7 H . -18.55 5.38 4.71
C26 0B7 H . -18.38 4.09 4.26
C27 0B7 H . -17.93 3.90 2.96
N01 0B7 H . -17.59 3.32 -3.89
N03 0B7 H . -18.48 1.88 -2.22
N09 0B7 H . -14.10 6.66 -0.31
N18 0B7 H . -10.90 8.04 -4.24
O11 0B7 H . -12.82 5.00 0.60
S21 0B7 H . -16.04 4.84 -1.52
H051 0B7 H . -18.65 3.31 0.08
H082 0B7 H . -15.66 7.27 0.79
H081 0B7 H . -14.82 6.12 1.47
H131 0B7 H . -12.83 7.42 -2.33
H161 0B7 H . -8.12 6.69 -4.31
H171 0B7 H . -9.41 8.38 -5.58
H191 0B7 H . -8.81 5.10 -1.96
H201 0B7 H . -10.51 4.74 -0.40
H231 0B7 H . -17.67 7.04 2.06
H241 0B7 H . -18.46 7.34 4.23
H251 0B7 H . -18.84 5.51 5.59
H261 0B7 H . -18.56 3.37 4.82
H271 0B7 H . -17.80 3.05 2.63
H011 0B7 H . -17.89 2.84 -4.54
H031 0B7 H . -18.81 1.35 -2.85
H091 0B7 H . -14.16 7.29 -0.91
H181 0B7 H . -11.53 8.58 -4.50
H012 0B7 H . -17.16 4.04 -4.04
#